data_3KAR
#
_entry.id   3KAR
#
_cell.length_a   44.129
_cell.length_b   81.209
_cell.length_c   48.298
_cell.angle_alpha   90.00
_cell.angle_beta   105.78
_cell.angle_gamma   90.00
#
_symmetry.space_group_name_H-M   'P 1 21 1'
#
loop_
_entity.id
_entity.type
_entity.pdbx_description
1 polymer 'KINESIN-LIKE PROTEIN KAR3'
2 non-polymer 'MAGNESIUM ION'
3 non-polymer "ADENOSINE-5'-DIPHOSPHATE"
4 water water
#
_entity_poly.entity_id   1
_entity_poly.type   'polypeptide(L)'
_entity_poly.pdbx_seq_one_letter_code
;MGNIRVYCRIRPALKNLENSDTSLINVNEFDDNSGVQSMEVTKIQNTAQVHEFKFDKIFDQQDTNVDVFKEVGQLVQSSL
DGYNVCIFAYGQTGSGKTFTMLNPGDGIIPSTISHIFNWINKLKTKGWDYKVNCEFIEIYNENIVDLLRSDNNNKEDTSI
GLKHEIRHDQETKTTTITNVTSCKLESEEMVEIILKKANKLRSTASTASNEHSSRSHSIFIIHLSGSNAKTGAHSYGTLN
LVDLAGSERINVSQVVGDRLRETQNINKSLSCLGDVIHALGQPDSTKRHIPFRNSKLTYLLQYSLTGDSKTLMFVNISPS
SSHINETLNSLRFASKVNSTRLVSRK
;
_entity_poly.pdbx_strand_id   A
#
loop_
_chem_comp.id
_chem_comp.type
_chem_comp.name
_chem_comp.formula
ADP non-polymer ADENOSINE-5'-DIPHOSPHATE 'C10 H15 N5 O10 P2'
MG non-polymer 'MAGNESIUM ION' 'Mg 2'
#
# COMPACT_ATOMS: atom_id res chain seq x y z
N GLY A 2 0.15 3.99 17.74
CA GLY A 2 -0.84 3.93 16.65
C GLY A 2 -1.30 2.50 16.33
N ASN A 3 -2.05 2.34 15.19
CA ASN A 3 -2.60 1.01 14.82
C ASN A 3 -2.25 0.44 13.45
N ILE A 4 -2.46 -0.91 13.27
CA ILE A 4 -2.15 -1.69 12.05
C ILE A 4 -3.33 -2.54 11.63
N ARG A 5 -3.52 -2.74 10.32
CA ARG A 5 -4.66 -3.47 9.75
C ARG A 5 -4.30 -4.16 8.47
N VAL A 6 -5.05 -5.22 8.20
CA VAL A 6 -4.82 -6.07 7.03
C VAL A 6 -6.08 -6.47 6.36
N TYR A 7 -6.12 -6.18 5.10
CA TYR A 7 -7.24 -6.51 4.29
C TYR A 7 -6.80 -7.39 3.21
N CYS A 8 -7.71 -8.23 2.80
CA CYS A 8 -7.50 -9.11 1.71
C CYS A 8 -8.42 -8.70 0.55
N ARG A 9 -7.93 -8.72 -0.69
CA ARG A 9 -8.85 -8.41 -1.73
C ARG A 9 -8.76 -9.43 -2.84
N ILE A 10 -9.90 -10.01 -3.13
CA ILE A 10 -9.95 -11.00 -4.21
C ILE A 10 -10.47 -10.36 -5.45
N ARG A 11 -9.70 -10.40 -6.47
CA ARG A 11 -10.16 -9.79 -7.68
C ARG A 11 -10.99 -10.76 -8.53
N PRO A 12 -11.75 -10.19 -9.41
CA PRO A 12 -12.50 -11.04 -10.26
C PRO A 12 -11.57 -11.79 -11.21
N ALA A 13 -12.04 -12.95 -11.67
CA ALA A 13 -11.28 -13.79 -12.55
C ALA A 13 -11.12 -13.24 -13.96
N LEU A 14 -10.09 -13.71 -14.62
CA LEU A 14 -9.93 -13.29 -15.98
C LEU A 14 -10.75 -14.17 -16.94
N LYS A 15 -11.58 -13.49 -17.72
CA LYS A 15 -12.47 -14.04 -18.72
C LYS A 15 -12.10 -15.38 -19.32
N ASN A 16 -10.84 -15.60 -19.69
CA ASN A 16 -10.58 -16.86 -20.32
C ASN A 16 -9.46 -17.74 -19.77
N LEU A 17 -8.31 -17.15 -19.51
CA LEU A 17 -7.15 -17.88 -19.03
C LEU A 17 -7.20 -18.24 -17.53
N GLU A 18 -8.37 -18.17 -16.94
CA GLU A 18 -8.46 -18.42 -15.52
C GLU A 18 -9.62 -19.34 -15.16
N ASN A 19 -9.42 -20.14 -14.07
CA ASN A 19 -10.41 -21.08 -13.54
C ASN A 19 -10.05 -21.50 -12.14
N SER A 20 -11.02 -22.13 -11.45
CA SER A 20 -10.82 -22.65 -10.09
C SER A 20 -11.28 -24.11 -9.99
N ASP A 21 -10.82 -24.94 -10.91
CA ASP A 21 -11.23 -26.34 -10.94
C ASP A 21 -10.36 -27.27 -10.11
N THR A 22 -9.27 -26.73 -9.65
CA THR A 22 -8.30 -27.46 -8.89
C THR A 22 -8.19 -26.89 -7.48
N SER A 23 -8.98 -25.83 -7.22
CA SER A 23 -8.95 -25.12 -5.92
C SER A 23 -10.28 -24.49 -5.51
N LEU A 24 -10.36 -24.15 -4.22
CA LEU A 24 -11.54 -23.48 -3.70
C LEU A 24 -11.28 -22.37 -2.64
N ILE A 25 -11.77 -21.16 -2.92
CA ILE A 25 -11.64 -20.08 -1.94
C ILE A 25 -12.97 -19.72 -1.36
N ASN A 26 -13.12 -19.86 -0.06
CA ASN A 26 -14.35 -19.50 0.56
C ASN A 26 -14.22 -18.38 1.58
N VAL A 27 -15.09 -17.39 1.46
CA VAL A 27 -15.05 -16.32 2.38
C VAL A 27 -16.28 -16.28 3.21
N ASN A 28 -16.08 -16.15 4.48
CA ASN A 28 -17.20 -16.05 5.36
C ASN A 28 -17.52 -14.60 5.66
N GLU A 29 -18.71 -14.37 6.22
CA GLU A 29 -19.24 -13.08 6.65
C GLU A 29 -18.54 -12.57 7.92
N PHE A 30 -18.25 -11.25 7.98
CA PHE A 30 -17.62 -10.69 9.18
C PHE A 30 -18.39 -11.09 10.49
N ASP A 31 -17.64 -11.29 11.62
CA ASP A 31 -18.13 -11.68 12.97
C ASP A 31 -17.59 -10.87 14.15
N ASP A 32 -18.37 -10.76 15.22
CA ASP A 32 -17.89 -10.04 16.40
C ASP A 32 -17.08 -10.87 17.35
N ASN A 33 -17.70 -11.96 17.86
CA ASN A 33 -17.06 -12.88 18.78
C ASN A 33 -15.61 -13.07 18.39
N SER A 34 -15.41 -13.08 17.07
CA SER A 34 -14.11 -13.16 16.50
C SER A 34 -13.60 -11.75 16.10
N GLY A 35 -14.54 -10.80 15.79
CA GLY A 35 -14.16 -9.42 15.38
C GLY A 35 -13.24 -9.40 14.12
N VAL A 36 -13.37 -10.47 13.36
CA VAL A 36 -12.59 -10.70 12.18
C VAL A 36 -13.52 -11.06 11.06
N GLN A 37 -12.90 -11.36 9.95
CA GLN A 37 -13.51 -11.93 8.81
C GLN A 37 -12.66 -13.13 8.39
N SER A 38 -13.27 -14.31 8.24
CA SER A 38 -12.49 -15.46 7.81
C SER A 38 -12.72 -15.85 6.35
N MET A 39 -11.76 -16.60 5.83
CA MET A 39 -11.71 -17.12 4.47
C MET A 39 -11.24 -18.60 4.52
N GLU A 40 -11.39 -19.35 3.45
CA GLU A 40 -10.89 -20.72 3.47
C GLU A 40 -10.34 -21.06 2.13
N VAL A 41 -9.22 -21.70 2.18
CA VAL A 41 -8.51 -22.08 0.99
C VAL A 41 -8.20 -23.57 1.01
N THR A 42 -8.61 -24.19 -0.08
CA THR A 42 -8.42 -25.59 -0.23
C THR A 42 -7.87 -25.94 -1.59
N LYS A 43 -6.91 -26.88 -1.59
CA LYS A 43 -6.37 -27.45 -2.83
C LYS A 43 -7.04 -28.84 -3.04
N ILE A 44 -7.48 -29.07 -4.24
CA ILE A 44 -8.18 -30.30 -4.59
C ILE A 44 -7.38 -31.54 -4.29
N GLN A 45 -6.15 -31.52 -4.71
CA GLN A 45 -5.32 -32.64 -4.48
C GLN A 45 -5.44 -33.11 -3.03
N ASN A 46 -6.01 -32.29 -2.16
CA ASN A 46 -6.16 -32.71 -0.79
C ASN A 46 -7.18 -31.91 -0.08
N THR A 47 -8.40 -32.42 -0.18
CA THR A 47 -9.54 -31.79 0.42
C THR A 47 -9.70 -31.86 1.91
N ALA A 48 -8.81 -32.58 2.62
CA ALA A 48 -8.91 -32.67 4.07
C ALA A 48 -8.14 -31.56 4.79
N GLN A 49 -7.26 -30.91 4.02
CA GLN A 49 -6.46 -29.77 4.47
C GLN A 49 -6.98 -28.42 3.91
N VAL A 50 -7.67 -27.71 4.78
CA VAL A 50 -8.25 -26.44 4.54
C VAL A 50 -7.43 -25.35 5.20
N HIS A 51 -7.06 -24.30 4.48
CA HIS A 51 -6.29 -23.22 5.12
C HIS A 51 -7.18 -22.07 5.48
N GLU A 52 -7.17 -21.75 6.74
CA GLU A 52 -7.96 -20.67 7.30
C GLU A 52 -7.11 -19.46 7.52
N PHE A 53 -7.71 -18.35 7.25
CA PHE A 53 -7.04 -17.10 7.39
C PHE A 53 -7.99 -15.98 7.85
N LYS A 54 -7.64 -15.32 8.93
CA LYS A 54 -8.47 -14.25 9.41
C LYS A 54 -7.92 -12.87 9.03
N PHE A 55 -8.79 -11.90 8.85
CA PHE A 55 -8.32 -10.57 8.53
C PHE A 55 -9.25 -9.56 9.06
N ASP A 56 -8.84 -8.28 9.02
CA ASP A 56 -9.69 -7.18 9.44
C ASP A 56 -10.83 -7.03 8.50
N LYS A 57 -10.57 -7.32 7.25
CA LYS A 57 -11.63 -7.20 6.27
C LYS A 57 -11.20 -7.87 5.01
N ILE A 58 -12.19 -8.49 4.33
CA ILE A 58 -11.98 -9.21 3.07
C ILE A 58 -12.90 -8.70 2.01
N PHE A 59 -12.29 -8.37 0.83
CA PHE A 59 -13.00 -7.88 -0.35
C PHE A 59 -12.98 -8.95 -1.39
N ASP A 60 -14.16 -9.25 -1.91
CA ASP A 60 -14.27 -10.25 -2.92
C ASP A 60 -14.47 -9.66 -4.28
N GLN A 61 -14.80 -10.50 -5.22
CA GLN A 61 -14.97 -10.06 -6.59
C GLN A 61 -16.16 -9.15 -6.81
N GLN A 62 -17.00 -8.94 -5.80
CA GLN A 62 -18.15 -8.08 -5.93
C GLN A 62 -17.76 -6.64 -5.64
N ASP A 63 -17.05 -6.43 -4.50
CA ASP A 63 -16.53 -5.13 -4.07
C ASP A 63 -15.72 -4.44 -5.15
N THR A 64 -16.20 -3.30 -5.66
CA THR A 64 -15.51 -2.52 -6.68
C THR A 64 -14.51 -1.61 -5.95
N ASN A 65 -13.80 -0.81 -6.70
CA ASN A 65 -12.88 0.18 -6.12
C ASN A 65 -13.65 1.15 -5.22
N VAL A 66 -14.80 1.66 -5.68
CA VAL A 66 -15.57 2.54 -4.81
C VAL A 66 -15.99 1.78 -3.57
N ASP A 67 -16.16 0.47 -3.74
CA ASP A 67 -16.58 -0.33 -2.58
C ASP A 67 -15.48 -0.41 -1.53
N VAL A 68 -14.27 -0.44 -2.01
CA VAL A 68 -13.15 -0.49 -1.12
C VAL A 68 -12.88 0.81 -0.35
N PHE A 69 -12.94 1.98 -1.08
CA PHE A 69 -12.65 3.29 -0.47
C PHE A 69 -13.52 3.62 0.70
N LYS A 70 -14.66 2.96 0.76
CA LYS A 70 -15.55 3.21 1.84
C LYS A 70 -14.94 2.80 3.13
N GLU A 71 -14.00 1.89 3.04
CA GLU A 71 -13.40 1.43 4.25
C GLU A 71 -12.05 2.15 4.55
N VAL A 72 -11.54 2.79 3.54
CA VAL A 72 -10.27 3.45 3.55
C VAL A 72 -10.30 4.93 3.85
N GLY A 73 -11.42 5.57 3.48
CA GLY A 73 -11.64 7.01 3.65
C GLY A 73 -11.45 7.48 5.09
N GLN A 74 -11.95 6.70 6.01
CA GLN A 74 -11.78 7.05 7.37
C GLN A 74 -10.27 7.01 7.82
N LEU A 75 -9.50 6.10 7.26
CA LEU A 75 -8.12 6.01 7.63
C LEU A 75 -7.39 7.23 7.13
N VAL A 76 -7.57 7.50 5.83
CA VAL A 76 -6.94 8.65 5.18
C VAL A 76 -7.21 10.00 5.88
N GLN A 77 -8.49 10.27 6.20
CA GLN A 77 -8.89 11.49 6.88
C GLN A 77 -7.97 11.81 8.03
N SER A 78 -7.35 10.80 8.59
CA SER A 78 -6.57 11.04 9.78
C SER A 78 -5.39 12.01 9.59
N SER A 79 -4.97 12.16 8.36
CA SER A 79 -3.87 13.01 8.10
C SER A 79 -4.16 14.46 8.43
N LEU A 80 -5.46 14.82 8.33
CA LEU A 80 -5.95 16.18 8.61
C LEU A 80 -5.76 16.48 10.10
N ASP A 81 -5.50 15.40 10.84
CA ASP A 81 -5.28 15.50 12.24
C ASP A 81 -3.82 15.31 12.62
N GLY A 82 -2.93 15.25 11.67
CA GLY A 82 -1.58 15.14 12.12
C GLY A 82 -1.01 13.74 12.16
N TYR A 83 -1.81 12.76 11.82
CA TYR A 83 -1.22 11.42 11.82
C TYR A 83 -0.59 11.08 10.48
N ASN A 84 0.40 10.22 10.50
CA ASN A 84 0.95 9.80 9.23
C ASN A 84 0.29 8.49 8.93
N VAL A 85 0.20 8.20 7.66
CA VAL A 85 -0.45 7.01 7.22
C VAL A 85 0.31 6.30 6.14
N CYS A 86 0.26 4.96 6.23
CA CYS A 86 0.91 4.10 5.23
C CYS A 86 -0.06 3.12 4.67
N ILE A 87 0.01 2.92 3.39
CA ILE A 87 -0.88 1.98 2.78
C ILE A 87 -0.12 1.22 1.77
N PHE A 88 -0.14 -0.13 1.92
CA PHE A 88 0.63 -0.99 1.04
C PHE A 88 -0.19 -1.99 0.29
N ALA A 89 0.10 -2.13 -0.99
CA ALA A 89 -0.59 -3.15 -1.78
C ALA A 89 0.38 -4.28 -1.98
N TYR A 90 0.10 -5.42 -1.37
CA TYR A 90 1.02 -6.56 -1.47
C TYR A 90 0.46 -7.68 -2.29
N GLY A 91 1.31 -8.32 -3.10
CA GLY A 91 0.83 -9.43 -3.87
C GLY A 91 1.60 -9.73 -5.13
N GLN A 92 1.29 -10.87 -5.71
CA GLN A 92 1.95 -11.36 -6.90
C GLN A 92 1.60 -10.55 -8.12
N THR A 93 2.55 -10.50 -9.05
CA THR A 93 2.24 -9.82 -10.29
C THR A 93 0.93 -10.36 -10.84
N GLY A 94 0.06 -9.45 -11.15
CA GLY A 94 -1.19 -9.82 -11.67
C GLY A 94 -2.31 -9.92 -10.64
N SER A 95 -2.00 -9.86 -9.36
CA SER A 95 -3.09 -9.99 -8.39
C SER A 95 -4.06 -8.83 -8.38
N GLY A 96 -3.62 -7.70 -8.99
CA GLY A 96 -4.37 -6.44 -9.04
C GLY A 96 -3.83 -5.33 -8.09
N LYS A 97 -2.51 -5.21 -7.88
CA LYS A 97 -2.08 -4.17 -6.96
C LYS A 97 -2.20 -2.76 -7.52
N THR A 98 -1.82 -2.61 -8.74
CA THR A 98 -1.87 -1.31 -9.37
C THR A 98 -3.31 -0.85 -9.61
N PHE A 99 -4.18 -1.82 -9.81
CA PHE A 99 -5.56 -1.56 -10.08
C PHE A 99 -6.21 -0.88 -8.89
N THR A 100 -5.92 -1.44 -7.76
CA THR A 100 -6.39 -1.05 -6.44
C THR A 100 -5.83 0.35 -6.06
N MET A 101 -4.54 0.58 -6.39
CA MET A 101 -3.87 1.80 -6.00
C MET A 101 -4.12 2.95 -6.91
N LEU A 102 -3.93 2.64 -8.16
CA LEU A 102 -3.97 3.60 -9.19
C LEU A 102 -5.07 3.58 -10.22
N ASN A 103 -6.07 2.72 -10.15
CA ASN A 103 -7.06 2.72 -11.23
C ASN A 103 -7.68 4.11 -11.41
N PRO A 104 -7.61 4.69 -12.62
CA PRO A 104 -8.16 5.99 -12.87
C PRO A 104 -9.47 6.21 -12.20
N GLY A 105 -9.52 7.36 -11.54
CA GLY A 105 -10.66 7.84 -10.75
C GLY A 105 -11.03 6.92 -9.58
N ASP A 106 -10.76 5.63 -9.76
CA ASP A 106 -11.12 4.54 -8.86
C ASP A 106 -10.18 4.29 -7.71
N GLY A 107 -8.89 4.20 -8.08
CA GLY A 107 -7.73 3.86 -7.24
C GLY A 107 -7.67 4.50 -5.89
N ILE A 108 -6.91 3.89 -5.01
CA ILE A 108 -6.79 4.45 -3.68
C ILE A 108 -6.17 5.87 -3.67
N ILE A 109 -5.24 6.06 -4.57
CA ILE A 109 -4.55 7.31 -4.70
C ILE A 109 -5.49 8.42 -5.15
N PRO A 110 -6.08 8.27 -6.33
CA PRO A 110 -7.02 9.21 -6.84
C PRO A 110 -8.08 9.54 -5.85
N SER A 111 -8.64 8.50 -5.28
CA SER A 111 -9.73 8.66 -4.31
C SER A 111 -9.25 9.31 -3.08
N THR A 112 -8.03 9.02 -2.74
CA THR A 112 -7.54 9.63 -1.53
C THR A 112 -7.44 11.14 -1.65
N ILE A 113 -6.95 11.62 -2.79
CA ILE A 113 -6.80 13.01 -3.14
C ILE A 113 -8.13 13.74 -3.11
N SER A 114 -9.09 13.17 -3.82
CA SER A 114 -10.44 13.71 -3.92
C SER A 114 -11.01 13.92 -2.55
N HIS A 115 -10.83 12.90 -1.77
CA HIS A 115 -11.30 12.86 -0.42
C HIS A 115 -10.72 13.96 0.47
N ILE A 116 -9.43 14.21 0.42
CA ILE A 116 -8.86 15.26 1.24
C ILE A 116 -9.36 16.66 0.85
N PHE A 117 -9.45 16.89 -0.46
CA PHE A 117 -9.95 18.19 -0.92
C PHE A 117 -11.31 18.44 -0.43
N ASN A 118 -12.10 17.40 -0.53
CA ASN A 118 -13.43 17.53 -0.07
C ASN A 118 -13.43 18.08 1.34
N TRP A 119 -12.60 17.50 2.17
CA TRP A 119 -12.46 17.87 3.53
C TRP A 119 -11.82 19.23 3.73
N ILE A 120 -10.83 19.50 2.92
CA ILE A 120 -10.12 20.73 3.01
C ILE A 120 -11.11 21.83 2.80
N ASN A 121 -11.75 21.79 1.65
CA ASN A 121 -12.79 22.74 1.33
C ASN A 121 -13.79 22.88 2.45
N LYS A 122 -14.06 21.79 3.14
CA LYS A 122 -15.00 21.84 4.24
C LYS A 122 -14.40 22.40 5.55
N LEU A 123 -13.12 22.32 5.67
CA LEU A 123 -12.53 22.78 6.88
C LEU A 123 -12.28 24.25 6.85
N LYS A 124 -12.41 24.82 5.68
CA LYS A 124 -12.21 26.22 5.55
C LYS A 124 -13.16 26.93 6.52
N THR A 125 -14.40 26.48 6.58
CA THR A 125 -15.33 27.10 7.51
C THR A 125 -14.86 27.12 8.96
N LYS A 126 -14.21 26.05 9.42
CA LYS A 126 -13.75 25.98 10.81
C LYS A 126 -12.46 26.76 11.07
N GLY A 127 -12.04 27.49 10.03
CA GLY A 127 -10.87 28.35 10.08
C GLY A 127 -9.55 27.71 9.73
N TRP A 128 -9.60 26.60 8.99
CA TRP A 128 -8.38 25.88 8.62
C TRP A 128 -7.92 26.16 7.18
N ASP A 129 -6.65 26.31 7.00
CA ASP A 129 -6.12 26.53 5.66
C ASP A 129 -5.08 25.47 5.55
N TYR A 130 -5.19 24.65 4.50
CA TYR A 130 -4.32 23.50 4.31
C TYR A 130 -3.59 23.55 3.05
N LYS A 131 -2.35 23.15 3.11
CA LYS A 131 -1.59 23.07 1.91
C LYS A 131 -1.20 21.61 1.65
N VAL A 132 -1.22 21.22 0.39
CA VAL A 132 -0.90 19.88 0.00
C VAL A 132 0.25 19.77 -0.95
N ASN A 133 1.27 19.00 -0.60
CA ASN A 133 2.36 18.78 -1.54
C ASN A 133 2.55 17.29 -1.74
N CYS A 134 3.15 16.88 -2.86
CA CYS A 134 3.29 15.44 -3.08
C CYS A 134 4.57 15.05 -3.81
N GLU A 135 5.15 13.88 -3.50
CA GLU A 135 6.32 13.38 -4.25
C GLU A 135 5.92 12.00 -4.89
N PHE A 136 6.66 11.50 -5.85
CA PHE A 136 6.29 10.22 -6.45
C PHE A 136 7.55 9.52 -6.89
N ILE A 137 7.97 8.54 -6.13
CA ILE A 137 9.21 7.87 -6.50
C ILE A 137 9.06 6.35 -6.56
N GLU A 138 10.12 5.70 -6.97
CA GLU A 138 10.16 4.26 -6.97
C GLU A 138 11.47 3.80 -6.39
N ILE A 139 11.37 2.76 -5.62
CA ILE A 139 12.53 2.10 -5.07
C ILE A 139 12.79 0.89 -5.98
N TYR A 140 13.93 0.91 -6.66
CA TYR A 140 14.34 -0.16 -7.58
C TYR A 140 15.80 -0.62 -7.33
N ASN A 141 15.94 -1.76 -6.65
CA ASN A 141 17.23 -2.32 -6.33
C ASN A 141 17.86 -1.49 -5.24
N GLU A 142 17.04 -0.93 -4.41
CA GLU A 142 17.53 -0.16 -3.31
C GLU A 142 18.04 1.22 -3.64
N ASN A 143 17.70 1.71 -4.84
CA ASN A 143 18.04 3.04 -5.33
C ASN A 143 16.79 3.80 -5.53
N ILE A 144 16.81 5.05 -5.10
CA ILE A 144 15.70 5.94 -5.23
C ILE A 144 15.69 6.62 -6.58
N VAL A 145 14.49 6.65 -7.18
CA VAL A 145 14.21 7.20 -8.48
C VAL A 145 13.01 8.13 -8.47
N ASP A 146 13.15 9.34 -9.06
CA ASP A 146 12.08 10.35 -9.13
C ASP A 146 11.22 10.15 -10.33
N LEU A 147 9.94 9.84 -10.07
CA LEU A 147 9.00 9.57 -11.13
C LEU A 147 8.30 10.84 -11.59
N LEU A 148 8.69 11.99 -10.99
CA LEU A 148 8.10 13.30 -11.32
C LEU A 148 9.09 14.26 -11.97
N ARG A 149 10.12 13.74 -12.60
CA ARG A 149 11.05 14.62 -13.25
C ARG A 149 10.87 14.55 -14.76
N SER A 150 11.07 15.71 -15.42
CA SER A 150 11.00 15.77 -16.88
C SER A 150 12.35 16.17 -17.48
N LEU A 162 21.75 13.33 -10.44
CA LEU A 162 20.84 13.52 -9.32
C LEU A 162 20.87 12.42 -8.27
N LYS A 163 21.48 12.80 -7.18
CA LYS A 163 21.68 11.94 -6.04
C LYS A 163 20.64 12.21 -4.99
N HIS A 164 19.99 11.14 -4.60
CA HIS A 164 18.97 11.29 -3.63
C HIS A 164 19.33 10.66 -2.32
N GLU A 165 19.43 11.48 -1.31
CA GLU A 165 19.73 10.99 0.00
C GLU A 165 18.57 11.24 0.92
N ILE A 166 18.36 10.28 1.84
CA ILE A 166 17.29 10.37 2.83
C ILE A 166 17.70 11.22 4.03
N ARG A 167 16.90 12.24 4.32
CA ARG A 167 17.14 13.10 5.46
C ARG A 167 16.07 12.91 6.47
N HIS A 168 16.43 12.39 7.59
CA HIS A 168 15.43 12.23 8.60
C HIS A 168 15.54 13.37 9.57
N ASP A 169 14.45 13.90 10.02
CA ASP A 169 14.59 14.99 10.97
C ASP A 169 13.90 14.59 12.23
N GLN A 170 14.69 14.41 13.29
CA GLN A 170 14.22 14.01 14.64
C GLN A 170 13.57 15.11 15.43
N GLU A 171 13.80 16.37 15.06
CA GLU A 171 13.11 17.44 15.75
C GLU A 171 11.63 17.37 15.35
N THR A 172 11.43 17.20 14.05
CA THR A 172 10.13 17.12 13.40
C THR A 172 9.54 15.70 13.28
N LYS A 173 10.41 14.71 13.31
CA LYS A 173 10.06 13.34 13.03
C LYS A 173 9.53 13.26 11.57
N THR A 174 10.17 14.06 10.68
CA THR A 174 9.84 14.16 9.25
C THR A 174 10.98 13.74 8.41
N THR A 175 10.67 13.36 7.16
CA THR A 175 11.70 12.90 6.29
C THR A 175 11.58 13.56 4.95
N THR A 176 12.71 13.67 4.34
CA THR A 176 12.83 14.24 3.07
C THR A 176 13.91 13.51 2.29
N ILE A 177 13.90 13.71 0.98
CA ILE A 177 14.83 13.10 0.09
C ILE A 177 15.45 14.14 -0.78
N THR A 178 16.73 14.19 -0.86
CA THR A 178 17.29 15.25 -1.68
C THR A 178 17.15 15.07 -3.15
N ASN A 179 16.81 16.20 -3.81
CA ASN A 179 16.71 16.28 -5.27
C ASN A 179 15.45 15.67 -5.89
N VAL A 180 14.47 15.54 -5.05
CA VAL A 180 13.23 14.97 -5.43
C VAL A 180 12.20 16.05 -5.79
N THR A 181 11.74 16.00 -7.01
CA THR A 181 10.74 16.93 -7.44
C THR A 181 9.50 16.82 -6.52
N SER A 182 9.04 17.95 -5.94
CA SER A 182 7.82 17.99 -5.10
C SER A 182 6.74 18.84 -5.78
N CYS A 183 5.46 18.53 -5.64
CA CYS A 183 4.44 19.28 -6.41
C CYS A 183 3.34 19.77 -5.56
N LYS A 184 2.91 20.98 -5.92
CA LYS A 184 1.82 21.62 -5.24
C LYS A 184 0.51 21.16 -5.78
N LEU A 185 -0.33 20.73 -4.89
CA LEU A 185 -1.63 20.29 -5.29
C LEU A 185 -2.62 21.33 -4.83
N GLU A 186 -3.13 22.07 -5.75
CA GLU A 186 -4.16 23.03 -5.43
C GLU A 186 -5.52 22.48 -5.94
N SER A 187 -5.45 21.33 -6.60
CA SER A 187 -6.63 20.68 -7.12
C SER A 187 -6.32 19.30 -7.68
N GLU A 188 -7.35 18.42 -7.61
CA GLU A 188 -7.37 17.01 -8.07
C GLU A 188 -6.84 16.85 -9.48
N GLU A 189 -7.36 17.74 -10.32
CA GLU A 189 -7.02 17.86 -11.70
C GLU A 189 -5.50 18.00 -11.91
N MET A 190 -4.84 18.62 -10.94
CA MET A 190 -3.42 18.89 -11.03
C MET A 190 -2.58 17.62 -11.16
N VAL A 191 -2.93 16.68 -10.35
CA VAL A 191 -2.18 15.48 -10.38
C VAL A 191 -2.70 14.57 -11.44
N GLU A 192 -3.99 14.65 -11.60
CA GLU A 192 -4.69 13.82 -12.55
C GLU A 192 -4.00 13.58 -13.88
N ILE A 193 -3.08 14.43 -14.24
CA ILE A 193 -2.40 14.17 -15.49
C ILE A 193 -1.35 13.03 -15.34
N ILE A 194 -0.56 13.18 -14.26
CA ILE A 194 0.51 12.28 -13.86
C ILE A 194 0.02 10.86 -13.67
N LEU A 195 -1.12 10.86 -12.97
CA LEU A 195 -1.88 9.69 -12.64
C LEU A 195 -2.27 8.88 -13.88
N LYS A 196 -2.42 9.56 -14.99
CA LYS A 196 -2.70 8.91 -16.25
C LYS A 196 -1.44 8.18 -16.66
N LYS A 197 -0.40 9.01 -16.83
CA LYS A 197 0.92 8.53 -17.16
C LYS A 197 1.13 7.23 -16.44
N ALA A 198 1.23 7.36 -15.10
CA ALA A 198 1.45 6.30 -14.12
C ALA A 198 0.78 4.97 -14.42
N ASN A 199 -0.53 5.01 -14.58
CA ASN A 199 -1.33 3.81 -14.81
C ASN A 199 -1.03 3.01 -16.09
N LYS A 200 -0.86 3.78 -17.17
CA LYS A 200 -0.55 3.29 -18.52
C LYS A 200 0.77 2.57 -18.54
N LEU A 201 1.76 3.25 -17.95
CA LEU A 201 3.10 2.73 -17.84
C LEU A 201 3.06 1.35 -17.19
N ARG A 202 2.14 1.20 -16.24
CA ARG A 202 1.99 -0.04 -15.51
C ARG A 202 0.96 -0.97 -16.12
N SER A 203 0.47 -0.63 -17.29
CA SER A 203 -0.52 -1.43 -17.93
C SER A 203 0.02 -2.56 -18.79
N THR A 204 -0.94 -3.38 -19.22
CA THR A 204 -0.71 -4.52 -20.08
C THR A 204 -0.35 -4.00 -21.45
N ALA A 205 -0.56 -2.70 -21.57
CA ALA A 205 -0.31 -1.99 -22.80
C ALA A 205 0.96 -2.38 -23.48
N SER A 206 0.82 -2.43 -24.78
CA SER A 206 1.87 -2.78 -25.70
C SER A 206 3.13 -2.03 -25.42
N THR A 207 2.97 -0.74 -25.28
CA THR A 207 4.12 0.10 -25.11
C THR A 207 4.51 0.33 -23.66
N ALA A 208 3.62 -0.06 -22.74
CA ALA A 208 3.94 0.13 -21.32
C ALA A 208 5.24 -0.61 -20.85
N SER A 209 5.67 -0.43 -19.60
CA SER A 209 6.93 -1.04 -19.13
C SER A 209 6.80 -1.74 -17.78
N ASN A 210 5.81 -2.62 -17.68
CA ASN A 210 5.58 -3.31 -16.42
C ASN A 210 6.70 -4.23 -15.96
N GLU A 211 7.53 -4.71 -16.90
CA GLU A 211 8.60 -5.59 -16.49
C GLU A 211 9.38 -4.98 -15.32
N HIS A 212 9.64 -3.68 -15.46
CA HIS A 212 10.33 -2.92 -14.45
C HIS A 212 9.45 -2.59 -13.25
N SER A 213 8.22 -2.20 -13.52
CA SER A 213 7.35 -1.83 -12.46
C SER A 213 7.00 -2.89 -11.50
N SER A 214 6.99 -4.08 -12.07
CA SER A 214 6.72 -5.36 -11.42
C SER A 214 7.77 -5.63 -10.41
N ARG A 215 8.98 -5.22 -10.80
CA ARG A 215 10.12 -5.44 -9.99
C ARG A 215 10.41 -4.31 -9.09
N SER A 216 9.51 -3.35 -9.02
CA SER A 216 9.83 -2.29 -8.11
C SER A 216 8.71 -1.81 -7.30
N HIS A 217 9.13 -1.06 -6.25
CA HIS A 217 8.19 -0.40 -5.35
C HIS A 217 7.99 1.04 -5.80
N SER A 218 6.73 1.43 -6.01
CA SER A 218 6.34 2.78 -6.40
C SER A 218 5.70 3.42 -5.19
N ILE A 219 6.20 4.59 -4.78
CA ILE A 219 5.69 5.32 -3.60
C ILE A 219 5.11 6.71 -3.89
N PHE A 220 3.88 6.89 -3.48
CA PHE A 220 3.19 8.15 -3.69
C PHE A 220 3.02 8.79 -2.36
N ILE A 221 3.77 9.87 -2.14
CA ILE A 221 3.82 10.58 -0.87
C ILE A 221 2.97 11.81 -0.92
N ILE A 222 2.22 12.03 0.12
CA ILE A 222 1.42 13.21 0.18
C ILE A 222 1.52 13.86 1.52
N HIS A 223 1.74 15.18 1.49
CA HIS A 223 1.83 15.94 2.76
C HIS A 223 0.80 17.03 2.91
N LEU A 224 0.12 16.97 4.03
CA LEU A 224 -0.89 17.97 4.38
C LEU A 224 -0.45 18.93 5.46
N SER A 225 -0.33 20.22 5.14
CA SER A 225 0.04 21.21 6.18
C SER A 225 -1.13 22.11 6.50
N GLY A 226 -1.62 21.99 7.69
CA GLY A 226 -2.77 22.80 8.04
C GLY A 226 -2.58 23.69 9.23
N SER A 227 -3.04 24.89 9.07
CA SER A 227 -2.96 25.86 10.13
C SER A 227 -4.29 26.56 10.31
N ASN A 228 -4.51 27.02 11.50
CA ASN A 228 -5.74 27.67 11.80
C ASN A 228 -5.51 28.87 12.70
N ALA A 229 -5.85 30.08 12.27
CA ALA A 229 -5.67 31.27 13.11
C ALA A 229 -6.61 31.36 14.33
N LYS A 230 -7.89 31.25 14.08
CA LYS A 230 -8.85 31.36 15.16
C LYS A 230 -8.67 30.30 16.25
N THR A 231 -7.61 29.49 16.12
CA THR A 231 -7.24 28.48 17.10
C THR A 231 -5.73 28.65 17.29
N GLY A 232 -5.13 29.16 16.21
CA GLY A 232 -3.70 29.36 16.12
C GLY A 232 -2.96 28.02 15.86
N ALA A 233 -3.75 26.96 15.64
CA ALA A 233 -3.24 25.60 15.44
C ALA A 233 -2.55 25.22 14.12
N HIS A 234 -1.73 24.18 14.29
CA HIS A 234 -0.98 23.57 13.21
C HIS A 234 -1.11 22.07 13.17
N SER A 235 -1.13 21.55 11.95
CA SER A 235 -1.23 20.14 11.67
C SER A 235 -0.34 19.81 10.54
N TYR A 236 0.42 18.71 10.63
CA TYR A 236 1.25 18.20 9.53
C TYR A 236 1.14 16.69 9.44
N GLY A 237 0.75 16.13 8.31
CA GLY A 237 0.67 14.67 8.31
C GLY A 237 1.06 14.25 6.94
N THR A 238 1.67 13.08 6.85
CA THR A 238 2.11 12.52 5.58
C THR A 238 1.41 11.22 5.34
N LEU A 239 1.05 11.01 4.08
CA LEU A 239 0.43 9.78 3.63
C LEU A 239 1.34 9.11 2.63
N ASN A 240 1.66 7.80 2.83
CA ASN A 240 2.56 7.07 1.87
C ASN A 240 1.76 5.90 1.31
N LEU A 241 1.44 5.96 0.00
CA LEU A 241 0.62 4.94 -0.68
C LEU A 241 1.50 4.04 -1.53
N VAL A 242 1.73 2.77 -1.07
CA VAL A 242 2.70 1.88 -1.71
C VAL A 242 2.19 0.76 -2.60
N ASP A 243 2.72 0.79 -3.79
CA ASP A 243 2.50 -0.20 -4.81
C ASP A 243 3.76 -1.06 -4.86
N LEU A 244 3.76 -2.05 -3.97
CA LEU A 244 4.85 -3.00 -3.78
C LEU A 244 5.24 -3.78 -5.05
N ALA A 245 6.49 -4.25 -5.02
CA ALA A 245 7.02 -5.05 -6.10
C ALA A 245 6.34 -6.39 -5.99
N GLY A 246 6.21 -7.12 -7.14
CA GLY A 246 5.55 -8.45 -7.13
C GLY A 246 6.15 -9.41 -6.10
N SER A 247 5.29 -10.14 -5.40
CA SER A 247 5.79 -11.05 -4.40
C SER A 247 6.15 -12.49 -4.92
N GLU A 248 5.84 -12.80 -6.19
CA GLU A 248 6.09 -14.11 -6.72
C GLU A 248 7.42 -14.63 -6.41
N ARG A 249 7.37 -15.84 -5.89
CA ARG A 249 8.53 -16.59 -5.56
C ARG A 249 9.19 -16.98 -6.84
N ILE A 250 10.42 -16.61 -6.95
CA ILE A 250 11.14 -16.95 -8.13
C ILE A 250 12.12 -18.09 -7.87
N ASN A 251 12.02 -19.13 -8.71
CA ASN A 251 12.81 -20.37 -8.68
C ASN A 251 14.29 -20.12 -8.50
N VAL A 252 14.75 -19.06 -9.23
CA VAL A 252 16.14 -18.57 -9.25
C VAL A 252 17.10 -19.55 -9.94
N SER A 253 16.63 -20.09 -11.07
CA SER A 253 17.39 -21.08 -11.81
C SER A 253 16.50 -21.65 -12.91
N ASP A 258 22.00 -9.71 -11.84
CA ASP A 258 21.10 -8.79 -12.52
C ASP A 258 19.65 -9.09 -12.15
N ARG A 259 19.09 -10.14 -12.82
CA ARG A 259 17.74 -10.61 -12.56
C ARG A 259 17.82 -11.36 -11.25
N LEU A 260 19.02 -11.82 -11.01
CA LEU A 260 19.28 -12.49 -9.79
C LEU A 260 19.45 -11.42 -8.75
N ARG A 261 20.14 -10.35 -9.15
CA ARG A 261 20.35 -9.23 -8.24
C ARG A 261 18.99 -8.64 -7.92
N GLU A 262 18.26 -8.41 -8.98
CA GLU A 262 16.93 -7.87 -8.86
C GLU A 262 16.08 -8.77 -7.97
N THR A 263 16.27 -10.07 -8.10
CA THR A 263 15.52 -10.97 -7.27
C THR A 263 15.82 -10.88 -5.78
N GLN A 264 17.10 -10.97 -5.44
CA GLN A 264 17.43 -11.00 -4.05
C GLN A 264 17.02 -9.74 -3.39
N ASN A 265 17.02 -8.72 -4.18
CA ASN A 265 16.68 -7.42 -3.66
C ASN A 265 15.30 -7.39 -3.06
N ILE A 266 14.41 -7.89 -3.86
CA ILE A 266 13.02 -7.90 -3.51
C ILE A 266 12.73 -8.70 -2.29
N ASN A 267 13.29 -9.91 -2.31
CA ASN A 267 13.05 -10.81 -1.21
C ASN A 267 13.37 -10.17 0.12
N LYS A 268 14.55 -9.57 0.19
CA LYS A 268 14.94 -8.97 1.45
C LYS A 268 14.05 -7.75 1.75
N SER A 269 13.74 -7.03 0.66
CA SER A 269 12.86 -5.88 0.76
C SER A 269 11.50 -6.27 1.38
N LEU A 270 10.82 -7.27 0.78
CA LEU A 270 9.51 -7.78 1.30
C LEU A 270 9.59 -8.41 2.71
N SER A 271 10.52 -9.33 2.84
CA SER A 271 10.76 -10.00 4.10
C SER A 271 10.97 -9.01 5.19
N CYS A 272 11.84 -8.06 4.91
CA CYS A 272 12.16 -7.02 5.88
C CYS A 272 10.91 -6.25 6.28
N LEU A 273 10.14 -5.98 5.24
CA LEU A 273 8.90 -5.27 5.40
C LEU A 273 7.99 -6.07 6.28
N GLY A 274 7.99 -7.39 6.05
CA GLY A 274 7.11 -8.23 6.88
C GLY A 274 7.62 -8.27 8.32
N ASP A 275 8.96 -8.30 8.50
CA ASP A 275 9.53 -8.34 9.83
C ASP A 275 9.15 -7.12 10.61
N VAL A 276 9.18 -6.00 9.89
CA VAL A 276 8.90 -4.71 10.50
C VAL A 276 7.43 -4.54 10.91
N ILE A 277 6.53 -4.89 10.03
CA ILE A 277 5.12 -4.80 10.38
C ILE A 277 4.83 -5.60 11.63
N HIS A 278 5.11 -6.90 11.54
CA HIS A 278 4.90 -7.82 12.63
C HIS A 278 5.38 -7.25 13.94
N ALA A 279 6.58 -6.72 13.91
CA ALA A 279 7.13 -6.18 15.13
C ALA A 279 6.35 -4.99 15.67
N LEU A 280 5.87 -4.16 14.76
CA LEU A 280 5.11 -2.97 15.19
C LEU A 280 3.82 -3.35 15.89
N GLY A 281 3.24 -4.46 15.45
CA GLY A 281 2.01 -4.92 16.04
C GLY A 281 2.25 -5.65 17.36
N GLN A 282 3.49 -5.98 17.66
CA GLN A 282 3.71 -6.67 18.91
C GLN A 282 3.51 -5.75 20.09
N PRO A 283 2.98 -6.37 21.15
CA PRO A 283 2.64 -5.74 22.42
C PRO A 283 3.84 -4.99 23.06
N ASP A 284 5.01 -5.48 22.72
CA ASP A 284 6.27 -4.89 23.20
C ASP A 284 7.10 -4.49 21.98
N SER A 285 6.53 -3.61 21.17
CA SER A 285 7.13 -3.09 19.93
C SER A 285 8.05 -1.91 20.22
N THR A 286 8.00 -1.44 21.46
CA THR A 286 8.81 -0.32 21.87
C THR A 286 10.28 -0.60 21.64
N LYS A 287 10.84 -1.30 22.61
CA LYS A 287 12.23 -1.68 22.61
C LYS A 287 12.40 -3.09 22.15
N ARG A 288 11.93 -3.28 20.96
CA ARG A 288 12.05 -4.53 20.29
C ARG A 288 12.91 -4.24 19.10
N HIS A 289 13.64 -5.23 18.75
CA HIS A 289 14.54 -5.04 17.67
C HIS A 289 13.79 -5.11 16.34
N ILE A 290 13.71 -3.90 15.71
CA ILE A 290 12.98 -3.64 14.45
C ILE A 290 13.91 -3.24 13.34
N PRO A 291 14.01 -4.11 12.33
CA PRO A 291 14.91 -3.94 11.20
C PRO A 291 14.61 -2.76 10.26
N PHE A 292 14.22 -1.56 10.82
CA PHE A 292 13.95 -0.37 9.99
C PHE A 292 15.01 -0.09 8.92
N ARG A 293 16.27 -0.07 9.40
CA ARG A 293 17.43 0.20 8.56
C ARG A 293 17.76 -0.92 7.57
N ASN A 294 17.11 -2.08 7.72
CA ASN A 294 17.37 -3.21 6.85
C ASN A 294 17.08 -3.03 5.39
N SER A 295 16.19 -2.09 5.08
CA SER A 295 15.85 -1.86 3.70
C SER A 295 15.58 -0.40 3.50
N LYS A 296 15.80 0.07 2.27
CA LYS A 296 15.55 1.43 1.90
C LYS A 296 14.08 1.82 2.18
N LEU A 297 13.17 0.90 1.92
CA LEU A 297 11.75 1.15 2.14
C LEU A 297 11.37 1.45 3.57
N THR A 298 11.76 0.58 4.43
CA THR A 298 11.36 0.74 5.78
C THR A 298 12.18 1.83 6.39
N TYR A 299 13.39 2.01 5.86
CA TYR A 299 14.26 3.09 6.38
C TYR A 299 13.58 4.48 6.06
N LEU A 300 13.19 4.64 4.82
CA LEU A 300 12.53 5.81 4.33
C LEU A 300 11.28 6.12 5.15
N LEU A 301 10.44 5.07 5.39
CA LEU A 301 9.13 5.20 6.07
C LEU A 301 8.99 5.10 7.56
N GLN A 302 10.08 4.86 8.24
CA GLN A 302 10.06 4.71 9.70
C GLN A 302 9.18 5.67 10.48
N TYR A 303 9.15 6.96 10.07
CA TYR A 303 8.29 7.91 10.80
C TYR A 303 6.83 7.70 10.46
N SER A 304 6.57 7.24 9.25
CA SER A 304 5.22 7.00 8.85
C SER A 304 4.73 5.66 9.37
N LEU A 305 5.65 4.99 10.11
CA LEU A 305 5.36 3.65 10.67
C LEU A 305 5.35 3.65 12.21
N THR A 306 6.30 4.34 12.78
CA THR A 306 6.37 4.40 14.22
C THR A 306 5.39 5.37 14.79
N GLY A 307 5.15 5.16 16.06
CA GLY A 307 4.28 5.97 16.85
C GLY A 307 2.82 5.79 16.55
N ASP A 308 2.19 6.93 16.41
CA ASP A 308 0.79 7.03 16.18
C ASP A 308 0.34 6.66 14.78
N SER A 309 1.30 6.42 13.92
CA SER A 309 1.02 6.05 12.54
C SER A 309 0.07 4.87 12.31
N LYS A 310 -0.71 5.03 11.25
CA LYS A 310 -1.66 4.03 10.83
C LYS A 310 -1.22 3.37 9.55
N THR A 311 -1.19 2.06 9.65
CA THR A 311 -0.77 1.28 8.54
C THR A 311 -1.85 0.39 8.12
N LEU A 312 -2.07 0.34 6.82
CA LEU A 312 -3.07 -0.55 6.24
C LEU A 312 -2.36 -1.45 5.26
N MET A 313 -2.45 -2.75 5.43
CA MET A 313 -1.77 -3.58 4.46
C MET A 313 -2.78 -4.22 3.54
N PHE A 314 -2.64 -4.06 2.29
CA PHE A 314 -3.63 -4.70 1.44
C PHE A 314 -3.02 -5.94 0.80
N VAL A 315 -3.63 -7.09 0.99
CA VAL A 315 -3.15 -8.29 0.32
C VAL A 315 -4.02 -8.65 -0.87
N ASN A 316 -3.44 -8.47 -2.04
CA ASN A 316 -4.09 -8.74 -3.30
C ASN A 316 -3.97 -10.19 -3.80
N ILE A 317 -5.10 -10.87 -4.05
CA ILE A 317 -4.91 -12.20 -4.55
C ILE A 317 -5.75 -12.49 -5.73
N SER A 318 -5.24 -13.43 -6.53
CA SER A 318 -5.87 -14.00 -7.72
C SER A 318 -6.77 -15.14 -7.23
N PRO A 319 -7.86 -15.38 -7.93
CA PRO A 319 -8.80 -16.41 -7.51
C PRO A 319 -8.65 -17.76 -8.23
N SER A 320 -7.91 -17.77 -9.34
CA SER A 320 -7.69 -18.92 -10.17
C SER A 320 -6.72 -19.86 -9.57
N SER A 321 -6.98 -21.15 -9.85
CA SER A 321 -6.24 -22.30 -9.35
C SER A 321 -4.82 -22.26 -9.81
N SER A 322 -4.62 -21.50 -10.90
CA SER A 322 -3.31 -21.30 -11.52
C SER A 322 -2.32 -20.59 -10.62
N HIS A 323 -2.83 -19.89 -9.59
CA HIS A 323 -1.90 -19.17 -8.67
C HIS A 323 -2.09 -19.56 -7.26
N ILE A 324 -2.78 -20.67 -7.12
CA ILE A 324 -3.12 -21.07 -5.80
C ILE A 324 -1.91 -21.05 -4.86
N ASN A 325 -0.78 -21.38 -5.40
CA ASN A 325 0.43 -21.45 -4.57
C ASN A 325 0.95 -20.10 -4.06
N GLU A 326 1.06 -19.13 -4.99
CA GLU A 326 1.47 -17.80 -4.67
C GLU A 326 0.39 -17.28 -3.79
N THR A 327 -0.83 -17.57 -4.15
CA THR A 327 -1.89 -17.15 -3.29
C THR A 327 -1.68 -17.61 -1.88
N LEU A 328 -1.07 -18.79 -1.72
CA LEU A 328 -0.90 -19.24 -0.35
C LEU A 328 0.16 -18.52 0.41
N ASN A 329 1.16 -18.13 -0.35
CA ASN A 329 2.32 -17.43 0.18
C ASN A 329 1.87 -16.09 0.66
N SER A 330 1.14 -15.43 -0.26
CA SER A 330 0.54 -14.10 -0.05
C SER A 330 -0.23 -14.09 1.25
N LEU A 331 -1.06 -15.12 1.48
CA LEU A 331 -1.82 -15.17 2.74
C LEU A 331 -1.00 -15.53 3.95
N ARG A 332 0.10 -16.18 3.71
CA ARG A 332 0.93 -16.51 4.80
C ARG A 332 1.67 -15.25 5.22
N PHE A 333 2.13 -14.53 4.21
CA PHE A 333 2.86 -13.31 4.50
C PHE A 333 1.96 -12.43 5.32
N ALA A 334 0.74 -12.26 4.82
CA ALA A 334 -0.26 -11.43 5.47
C ALA A 334 -0.54 -11.86 6.86
N SER A 335 -0.69 -13.17 7.01
CA SER A 335 -1.00 -13.78 8.29
C SER A 335 0.07 -13.52 9.32
N LYS A 336 1.30 -13.69 8.88
CA LYS A 336 2.45 -13.43 9.73
C LYS A 336 2.37 -12.04 10.35
N VAL A 337 2.02 -11.06 9.51
CA VAL A 337 1.92 -9.68 9.94
C VAL A 337 0.93 -9.46 11.09
N ASN A 338 -0.33 -9.70 10.74
CA ASN A 338 -1.51 -9.57 11.58
C ASN A 338 -1.36 -10.16 12.97
N SER A 339 -0.69 -11.34 13.03
CA SER A 339 -0.42 -12.08 14.28
C SER A 339 0.20 -11.14 15.32
MG MG B . 1.25 -3.46 -10.70
PB ADP C . -0.59 -6.12 -10.48
O1B ADP C . -0.80 -6.80 -9.14
O2B ADP C . -0.37 -4.64 -10.27
O3B ADP C . 0.60 -6.76 -11.31
PA ADP C . -2.79 -5.27 -11.98
O1A ADP C . -3.14 -4.13 -11.08
O2A ADP C . -1.99 -4.70 -13.10
O3A ADP C . -1.89 -6.32 -11.28
O5' ADP C . -4.14 -6.00 -12.42
C5' ADP C . -4.03 -7.15 -13.28
C4' ADP C . -5.27 -7.19 -14.17
O4' ADP C . -6.43 -7.44 -13.33
C3' ADP C . -5.56 -5.89 -14.93
O3' ADP C . -5.94 -6.09 -16.31
C2' ADP C . -6.66 -5.27 -14.06
O2' ADP C . -7.49 -4.45 -14.86
C1' ADP C . -7.41 -6.47 -13.50
N9 ADP C . -7.89 -6.22 -12.14
C8 ADP C . -7.16 -6.16 -11.01
N7 ADP C . -7.90 -6.03 -9.92
C5 ADP C . -9.19 -5.86 -10.41
C6 ADP C . -10.38 -5.64 -9.73
N6 ADP C . -10.52 -5.50 -8.49
N1 ADP C . -11.41 -5.60 -10.60
C2 ADP C . -11.34 -5.70 -11.95
N3 ADP C . -10.25 -5.91 -12.59
C4 ADP C . -9.20 -6.00 -11.76
#